data_5ICF
#
_entry.id   5ICF
#
_cell.length_a   73.340
_cell.length_b   109.090
_cell.length_c   40.950
_cell.angle_alpha   90.000
_cell.angle_beta   90.000
_cell.angle_gamma   90.000
#
_symmetry.space_group_name_H-M   'P 21 21 2'
#
loop_
_entity.id
_entity.type
_entity.pdbx_description
1 polymer '(S)-norcoclaurine 6-O-methyltransferase'
2 non-polymer S-ADENOSYL-L-HOMOCYSTEINE
3 non-polymer 13-methyl[1,3]benzodioxolo[5,6-c][1,3]dioxolo[4,5-i]phenanthridin-13-ium
4 non-polymer 'POTASSIUM ION'
5 non-polymer 'SODIUM ION'
6 non-polymer 1,2-ETHANEDIOL
7 non-polymer 'DIMETHYL SULFOXIDE'
8 water water
#
_entity_poly.entity_id   1
_entity_poly.type   'polypeptide(L)'
_entity_poly.pdbx_seq_one_letter_code
;GAMVMINKENLSSQAKLWNFIYGFADSLVLKSAVQLDLANIIHNHGSPMTLSELSLHLPSQPVNQDALYRVLRYLVHMKL
FTKSSIDGELRYGLAPPAKFLVKGWDKCMLGAILTITDKDFMAPWHYLKEGILNDGSTSTAFEKALGTNIWDYMAEHPEK
NQLFNEGMANDTRLIMSALVKECSSMFDGITTIVDVGGGTGTAVRNIAKAFPHIKCTVYDLPHVIADSPGYTEINSIQGD
MFKYIPNADAIMMKCILHDWDDKECIEILKRCKDAVPRDGGKVIIIDIILDVKSEHPYTKMRLTLDLDMMLNTGGKERTE
EEWKKLIHDAGYKGYKITHISAVQSVIEAYPY
;
_entity_poly.pdbx_strand_id   A
#
# COMPACT_ATOMS: atom_id res chain seq x y z
N GLY A 1 30.92 -38.85 -4.51
CA GLY A 1 31.46 -37.74 -3.66
C GLY A 1 30.65 -36.46 -3.78
N ALA A 2 30.91 -35.53 -2.87
CA ALA A 2 30.36 -34.16 -2.94
C ALA A 2 31.21 -33.25 -3.83
N MET A 3 30.64 -32.10 -4.16
CA MET A 3 31.40 -31.02 -4.77
C MET A 3 32.64 -30.71 -3.91
N VAL A 4 33.78 -30.57 -4.58
CA VAL A 4 35.04 -30.20 -3.92
C VAL A 4 35.39 -28.83 -4.59
N MET A 5 35.42 -27.75 -3.79
CA MET A 5 35.86 -26.46 -4.31
C MET A 5 37.33 -26.37 -4.32
N ILE A 6 37.91 -25.98 -5.44
CA ILE A 6 39.36 -25.97 -5.56
C ILE A 6 39.91 -24.54 -5.77
N ASN A 7 39.01 -23.56 -6.05
CA ASN A 7 39.47 -22.16 -6.23
C ASN A 7 38.51 -21.18 -5.54
N LYS A 8 38.73 -19.88 -5.67
CA LYS A 8 37.94 -18.91 -4.87
C LYS A 8 36.47 -18.91 -5.18
N GLU A 9 35.62 -18.97 -4.15
CA GLU A 9 34.20 -18.90 -4.39
C GLU A 9 33.86 -17.43 -4.76
N ASN A 10 32.79 -17.27 -5.50
CA ASN A 10 32.33 -15.97 -5.90
C ASN A 10 31.90 -15.09 -4.70
N LEU A 11 32.47 -13.90 -4.58
CA LEU A 11 32.09 -13.01 -3.48
C LEU A 11 30.69 -12.39 -3.76
N SER A 12 30.46 -11.95 -4.99
CA SER A 12 29.22 -11.29 -5.32
CA SER A 12 29.22 -11.29 -5.32
C SER A 12 28.00 -12.16 -4.98
N SER A 13 28.10 -13.48 -5.23
CA SER A 13 27.01 -14.40 -4.93
CA SER A 13 26.99 -14.40 -4.93
CA SER A 13 26.93 -14.35 -4.95
C SER A 13 26.76 -14.48 -3.42
N GLN A 14 27.86 -14.53 -2.67
CA GLN A 14 27.72 -14.59 -1.17
C GLN A 14 27.13 -13.29 -0.69
N ALA A 15 27.56 -12.18 -1.31
CA ALA A 15 27.08 -10.82 -0.87
C ALA A 15 25.60 -10.71 -1.16
N LYS A 16 25.17 -11.29 -2.30
CA LYS A 16 23.70 -11.37 -2.61
C LYS A 16 22.89 -11.99 -1.52
N LEU A 17 23.41 -13.08 -0.94
CA LEU A 17 22.74 -13.75 0.20
CA LEU A 17 22.71 -13.74 0.18
C LEU A 17 22.74 -12.89 1.44
N TRP A 18 23.91 -12.32 1.77
CA TRP A 18 23.95 -11.41 2.93
C TRP A 18 22.98 -10.26 2.79
N ASN A 19 22.89 -9.70 1.60
CA ASN A 19 22.01 -8.55 1.40
C ASN A 19 20.54 -8.96 1.56
N PHE A 20 20.19 -10.19 1.11
CA PHE A 20 18.82 -10.62 1.34
C PHE A 20 18.64 -10.90 2.84
N ILE A 21 19.61 -11.58 3.48
CA ILE A 21 19.50 -11.85 4.93
C ILE A 21 19.17 -10.59 5.70
N TYR A 22 19.94 -9.54 5.40
CA TYR A 22 19.75 -8.22 6.05
C TYR A 22 18.81 -7.29 5.34
N GLY A 23 17.88 -7.81 4.52
CA GLY A 23 16.87 -6.95 3.89
C GLY A 23 16.14 -6.09 4.89
N PHE A 24 15.87 -6.60 6.12
CA PHE A 24 15.11 -5.88 7.08
C PHE A 24 15.84 -4.63 7.55
N ALA A 25 17.15 -4.61 7.39
CA ALA A 25 17.92 -3.42 7.83
C ALA A 25 17.50 -2.23 6.93
N ASP A 26 17.30 -2.47 5.63
CA ASP A 26 16.84 -1.32 4.78
C ASP A 26 15.49 -0.81 5.25
N SER A 27 14.57 -1.74 5.58
CA SER A 27 13.26 -1.34 6.09
C SER A 27 13.37 -0.50 7.34
N LEU A 28 14.20 -0.93 8.30
CA LEU A 28 14.18 -0.30 9.63
C LEU A 28 15.12 0.88 9.75
N VAL A 29 16.13 0.92 8.91
CA VAL A 29 16.90 2.21 8.78
C VAL A 29 16.01 3.25 8.14
N LEU A 30 15.24 2.84 7.14
CA LEU A 30 14.33 3.81 6.46
C LEU A 30 13.29 4.27 7.46
N LYS A 31 12.76 3.35 8.25
CA LYS A 31 11.80 3.76 9.36
C LYS A 31 12.45 4.86 10.23
N SER A 32 13.68 4.64 10.68
CA SER A 32 14.30 5.64 11.58
C SER A 32 14.50 6.95 10.85
N ALA A 33 14.88 6.92 9.58
CA ALA A 33 15.06 8.20 8.86
C ALA A 33 13.74 8.97 8.79
N VAL A 34 12.62 8.26 8.62
CA VAL A 34 11.32 8.87 8.63
C VAL A 34 10.99 9.45 10.00
N GLN A 35 11.24 8.68 11.05
CA GLN A 35 10.91 9.14 12.39
C GLN A 35 11.77 10.38 12.74
N LEU A 36 13.02 10.42 12.30
CA LEU A 36 13.88 11.55 12.59
C LEU A 36 13.56 12.76 11.67
N ASP A 37 12.80 12.54 10.60
CA ASP A 37 12.38 13.60 9.68
C ASP A 37 13.54 14.22 8.91
N LEU A 38 14.62 13.43 8.71
CA LEU A 38 15.78 13.96 8.11
C LEU A 38 15.54 14.62 6.73
N ALA A 39 14.80 13.96 5.89
CA ALA A 39 14.60 14.46 4.52
C ALA A 39 13.90 15.82 4.54
N ASN A 40 12.97 16.01 5.49
CA ASN A 40 12.24 17.29 5.54
C ASN A 40 13.00 18.40 6.22
N ILE A 41 13.81 18.05 7.22
CA ILE A 41 14.73 19.06 7.76
C ILE A 41 15.64 19.63 6.63
N ILE A 42 16.23 18.75 5.83
CA ILE A 42 17.13 19.18 4.76
C ILE A 42 16.35 19.88 3.66
N HIS A 43 15.21 19.31 3.25
CA HIS A 43 14.47 19.90 2.14
C HIS A 43 14.00 21.33 2.55
N ASN A 44 13.55 21.48 3.80
CA ASN A 44 13.08 22.80 4.26
C ASN A 44 14.26 23.74 4.33
N HIS A 45 15.43 23.24 4.79
CA HIS A 45 16.66 24.07 4.84
C HIS A 45 17.04 24.58 3.45
N GLY A 46 16.82 23.75 2.46
CA GLY A 46 17.02 24.11 1.04
C GLY A 46 18.42 23.88 0.49
N SER A 47 19.37 23.41 1.34
CA SER A 47 20.74 23.07 0.86
C SER A 47 21.31 22.02 1.86
N PRO A 48 22.43 21.36 1.46
CA PRO A 48 22.98 20.29 2.33
C PRO A 48 23.36 20.86 3.71
N MET A 49 23.25 20.05 4.77
CA MET A 49 23.50 20.49 6.10
C MET A 49 24.59 19.66 6.77
N THR A 50 25.35 20.31 7.64
CA THR A 50 26.35 19.54 8.41
C THR A 50 25.65 18.69 9.44
N LEU A 51 26.39 17.77 10.01
CA LEU A 51 25.88 16.97 11.12
C LEU A 51 25.35 17.79 12.28
N SER A 52 26.12 18.80 12.72
CA SER A 52 25.70 19.67 13.81
CA SER A 52 25.68 19.64 13.83
CA SER A 52 25.73 19.70 13.78
C SER A 52 24.43 20.44 13.49
N GLU A 53 24.33 20.96 12.28
CA GLU A 53 23.12 21.70 11.82
C GLU A 53 21.90 20.81 11.85
N LEU A 54 22.06 19.63 11.29
CA LEU A 54 20.96 18.65 11.31
C LEU A 54 20.51 18.36 12.70
N SER A 55 21.48 18.13 13.60
CA SER A 55 21.18 17.80 14.99
CA SER A 55 21.18 17.79 14.96
C SER A 55 20.28 18.80 15.69
N LEU A 56 20.50 20.08 15.44
CA LEU A 56 19.72 21.16 16.11
C LEU A 56 18.24 21.08 15.78
N HIS A 57 17.91 20.51 14.63
CA HIS A 57 16.53 20.46 14.12
C HIS A 57 15.86 19.10 14.31
N LEU A 58 16.53 18.15 15.03
CA LEU A 58 15.94 16.83 15.15
C LEU A 58 14.72 16.82 16.14
N PRO A 59 13.86 15.81 16.06
CA PRO A 59 12.56 15.88 16.77
C PRO A 59 12.67 15.88 18.30
N SER A 60 13.80 15.45 18.82
CA SER A 60 13.98 15.57 20.26
C SER A 60 15.46 15.81 20.59
N GLN A 61 15.74 16.20 21.84
CA GLN A 61 17.12 16.48 22.31
C GLN A 61 17.33 15.75 23.59
N PRO A 62 18.56 15.29 23.83
CA PRO A 62 19.77 15.48 23.07
C PRO A 62 19.93 14.46 21.95
N VAL A 63 20.98 14.63 21.15
CA VAL A 63 21.17 13.80 19.99
C VAL A 63 22.55 13.12 20.12
N ASN A 64 22.57 11.83 19.86
CA ASN A 64 23.87 11.08 19.81
C ASN A 64 24.43 11.31 18.40
N GLN A 65 25.43 12.17 18.29
CA GLN A 65 25.89 12.54 16.94
C GLN A 65 26.71 11.45 16.23
N ASP A 66 27.39 10.60 16.99
CA ASP A 66 28.07 9.47 16.42
C ASP A 66 27.01 8.53 15.79
N ALA A 67 25.96 8.22 16.53
CA ALA A 67 24.87 7.40 15.97
C ALA A 67 24.25 8.02 14.70
N LEU A 68 23.98 9.33 14.76
CA LEU A 68 23.41 10.01 13.62
C LEU A 68 24.33 9.92 12.40
N TYR A 69 25.65 10.15 12.61
CA TYR A 69 26.62 9.99 11.54
C TYR A 69 26.55 8.61 10.93
N ARG A 70 26.48 7.58 11.80
CA ARG A 70 26.56 6.21 11.24
C ARG A 70 25.28 5.82 10.49
N VAL A 71 24.14 6.30 10.97
CA VAL A 71 22.87 6.07 10.22
C VAL A 71 22.89 6.83 8.89
N LEU A 72 23.43 8.02 8.94
CA LEU A 72 23.53 8.81 7.66
C LEU A 72 24.47 8.11 6.68
N ARG A 73 25.58 7.55 7.18
CA ARG A 73 26.47 6.78 6.27
C ARG A 73 25.72 5.64 5.57
N TYR A 74 24.86 4.97 6.30
CA TYR A 74 24.08 3.87 5.71
C TYR A 74 23.05 4.41 4.69
N LEU A 75 22.43 5.57 5.01
CA LEU A 75 21.41 6.16 4.13
C LEU A 75 22.06 6.73 2.86
N VAL A 76 23.28 7.24 2.99
CA VAL A 76 24.05 7.63 1.82
C VAL A 76 24.34 6.45 0.90
N HIS A 77 24.74 5.34 1.50
CA HIS A 77 25.02 4.16 0.73
C HIS A 77 23.75 3.59 0.05
N MET A 78 22.57 3.79 0.64
CA MET A 78 21.30 3.39 -0.04
C MET A 78 21.01 4.27 -1.26
N LYS A 79 21.72 5.42 -1.33
CA LYS A 79 21.53 6.44 -2.37
C LYS A 79 20.20 7.16 -2.21
N LEU A 80 19.76 7.29 -0.94
CA LEU A 80 18.64 8.15 -0.57
C LEU A 80 19.14 9.55 -0.20
N PHE A 81 20.30 9.59 0.46
CA PHE A 81 20.93 10.82 0.90
C PHE A 81 22.30 10.97 0.26
N THR A 82 22.82 12.20 0.27
CA THR A 82 24.15 12.43 -0.31
C THR A 82 25.05 12.96 0.78
N LYS A 83 26.38 12.88 0.54
CA LYS A 83 27.34 13.46 1.46
C LYS A 83 28.41 14.09 0.57
N SER A 84 28.80 15.32 0.87
CA SER A 84 29.93 15.88 0.15
C SER A 84 30.69 16.93 0.94
N SER A 85 31.94 17.17 0.53
CA SER A 85 32.78 18.22 1.14
CA SER A 85 32.78 18.21 1.13
C SER A 85 32.50 19.54 0.44
N ILE A 86 31.99 20.52 1.20
CA ILE A 86 31.63 21.86 0.67
C ILE A 86 32.25 22.91 1.59
N ASP A 87 33.18 23.70 1.04
CA ASP A 87 33.83 24.80 1.76
C ASP A 87 34.44 24.38 3.10
N GLY A 88 35.02 23.18 3.12
CA GLY A 88 35.74 22.76 4.27
C GLY A 88 34.92 21.95 5.23
N GLU A 89 33.65 21.63 4.85
CA GLU A 89 32.74 20.88 5.74
C GLU A 89 31.96 19.74 5.04
N LEU A 90 31.73 18.66 5.76
CA LEU A 90 30.87 17.57 5.27
C LEU A 90 29.37 17.88 5.44
N ARG A 91 28.63 17.78 4.34
CA ARG A 91 27.23 18.26 4.31
C ARG A 91 26.37 17.20 3.67
N TYR A 92 25.18 16.99 4.27
CA TYR A 92 24.30 15.95 3.84
C TYR A 92 23.08 16.54 3.06
N GLY A 93 22.82 15.96 1.91
CA GLY A 93 21.77 16.45 0.98
C GLY A 93 20.86 15.28 0.64
N LEU A 94 19.91 15.53 -0.25
CA LEU A 94 18.96 14.49 -0.72
C LEU A 94 19.33 14.00 -2.10
N ALA A 95 19.23 12.69 -2.31
CA ALA A 95 19.31 12.13 -3.68
C ALA A 95 17.89 12.16 -4.26
N PRO A 96 17.76 11.95 -5.58
CA PRO A 96 16.39 12.02 -6.20
C PRO A 96 15.28 11.12 -5.55
N PRO A 97 15.57 9.88 -5.14
CA PRO A 97 14.45 9.10 -4.58
C PRO A 97 14.01 9.58 -3.20
N ALA A 98 14.80 10.43 -2.54
CA ALA A 98 14.37 10.99 -1.26
C ALA A 98 13.18 11.92 -1.40
N LYS A 99 12.81 12.28 -2.65
CA LYS A 99 11.65 13.14 -2.84
C LYS A 99 10.39 12.50 -2.20
N PHE A 100 10.31 11.15 -2.24
CA PHE A 100 9.14 10.45 -1.67
C PHE A 100 9.13 10.51 -0.14
N LEU A 101 10.23 10.97 0.44
CA LEU A 101 10.26 11.15 1.91
C LEU A 101 9.94 12.58 2.28
N VAL A 102 9.72 13.41 1.28
CA VAL A 102 9.45 14.86 1.52
C VAL A 102 7.97 15.12 1.61
N LYS A 103 7.56 15.75 2.70
CA LYS A 103 6.17 16.05 3.00
C LYS A 103 5.59 17.08 2.03
N GLY A 104 4.24 17.00 1.90
CA GLY A 104 3.53 18.10 1.21
C GLY A 104 3.20 17.94 -0.21
N TRP A 105 3.22 16.69 -0.71
CA TRP A 105 2.75 16.44 -2.09
C TRP A 105 2.15 15.05 -2.13
N ASP A 106 1.46 14.73 -3.24
CA ASP A 106 0.62 13.52 -3.24
C ASP A 106 1.46 12.24 -3.18
N LYS A 107 2.72 12.29 -3.62
CA LYS A 107 3.57 11.07 -3.62
C LYS A 107 4.49 10.93 -2.41
N CYS A 108 4.28 11.78 -1.40
CA CYS A 108 4.99 11.54 -0.16
C CYS A 108 4.52 10.17 0.39
N MET A 109 5.48 9.29 0.70
CA MET A 109 5.17 7.88 1.13
C MET A 109 5.30 7.60 2.65
N LEU A 110 5.42 8.65 3.44
CA LEU A 110 5.76 8.48 4.86
C LEU A 110 4.75 7.70 5.67
N GLY A 111 3.46 7.94 5.40
CA GLY A 111 2.41 7.20 6.15
C GLY A 111 2.54 5.71 5.87
N ALA A 112 2.64 5.36 4.60
CA ALA A 112 2.76 3.94 4.19
C ALA A 112 4.04 3.28 4.86
N ILE A 113 5.16 4.02 4.88
CA ILE A 113 6.40 3.51 5.50
C ILE A 113 6.15 3.20 6.97
N LEU A 114 5.54 4.15 7.68
CA LEU A 114 5.33 3.93 9.18
C LEU A 114 4.38 2.80 9.45
N THR A 115 3.38 2.59 8.57
CA THR A 115 2.46 1.43 8.70
C THR A 115 3.14 0.13 8.42
N ILE A 116 3.81 0.04 7.28
CA ILE A 116 4.30 -1.24 6.85
C ILE A 116 5.47 -1.72 7.77
N THR A 117 6.29 -0.79 8.24
CA THR A 117 7.44 -1.18 9.06
C THR A 117 7.16 -1.17 10.55
N ASP A 118 5.89 -0.99 10.95
CA ASP A 118 5.48 -1.15 12.33
C ASP A 118 5.84 -2.52 12.85
N LYS A 119 6.31 -2.59 14.08
CA LYS A 119 6.78 -3.86 14.64
C LYS A 119 5.67 -4.89 14.70
N ASP A 120 4.50 -4.51 15.24
CA ASP A 120 3.41 -5.50 15.34
C ASP A 120 2.98 -5.90 13.92
N PHE A 121 2.91 -4.93 12.98
CA PHE A 121 2.42 -5.27 11.63
C PHE A 121 3.43 -6.11 10.84
N MET A 122 4.69 -6.11 11.27
CA MET A 122 5.70 -7.00 10.62
C MET A 122 5.64 -8.40 11.19
N ALA A 123 5.03 -8.56 12.39
CA ALA A 123 5.11 -9.88 13.08
C ALA A 123 4.59 -11.07 12.31
N PRO A 124 3.45 -10.91 11.55
CA PRO A 124 2.93 -12.04 10.81
C PRO A 124 3.96 -12.71 9.81
N TRP A 125 4.90 -11.91 9.30
CA TRP A 125 5.89 -12.42 8.35
C TRP A 125 6.79 -13.46 8.99
N HIS A 126 6.92 -13.44 10.33
CA HIS A 126 7.69 -14.44 11.03
C HIS A 126 7.01 -15.81 11.04
N TYR A 127 5.76 -15.85 10.60
CA TYR A 127 4.95 -17.08 10.60
C TYR A 127 4.74 -17.65 9.21
N LEU A 128 5.60 -17.24 8.25
CA LEU A 128 5.44 -17.68 6.87
C LEU A 128 5.55 -19.23 6.73
N LYS A 129 6.49 -19.85 7.47
CA LYS A 129 6.64 -21.34 7.38
C LYS A 129 5.30 -21.96 7.80
N GLU A 130 4.68 -21.40 8.84
CA GLU A 130 3.39 -21.88 9.37
CA GLU A 130 3.41 -21.95 9.33
C GLU A 130 2.23 -21.71 8.38
N GLY A 131 2.40 -20.82 7.42
CA GLY A 131 1.40 -20.63 6.37
C GLY A 131 1.45 -21.77 5.36
N ILE A 132 2.61 -22.43 5.23
CA ILE A 132 2.77 -23.56 4.30
CA ILE A 132 2.75 -23.58 4.30
C ILE A 132 2.49 -24.87 5.05
N LEU A 133 3.09 -25.00 6.19
CA LEU A 133 3.05 -26.23 7.02
C LEU A 133 2.07 -25.91 8.14
N ASN A 134 0.80 -26.02 7.82
N ASN A 134 0.80 -26.06 7.81
CA ASN A 134 -0.31 -25.44 8.61
CA ASN A 134 -0.31 -25.46 8.55
C ASN A 134 -0.58 -26.14 9.91
C ASN A 134 -0.78 -26.24 9.76
N ASP A 135 -0.18 -27.41 9.99
CA ASP A 135 -0.62 -28.36 11.05
C ASP A 135 -2.18 -28.41 11.13
N GLY A 136 -2.85 -28.35 9.98
CA GLY A 136 -4.31 -28.38 9.96
C GLY A 136 -5.05 -27.10 10.39
N SER A 137 -4.29 -26.08 10.83
CA SER A 137 -4.90 -24.80 11.25
C SER A 137 -5.25 -23.95 10.04
N THR A 138 -6.44 -23.39 10.07
CA THR A 138 -6.84 -22.60 8.97
C THR A 138 -6.68 -21.07 9.30
N SER A 139 -6.15 -20.70 10.47
CA SER A 139 -5.97 -19.28 10.85
CA SER A 139 -6.01 -19.25 10.80
C SER A 139 -4.94 -18.61 9.91
N THR A 140 -5.06 -17.30 9.70
CA THR A 140 -4.03 -16.53 8.98
C THR A 140 -2.83 -16.33 9.91
N ALA A 141 -1.65 -16.10 9.33
CA ALA A 141 -0.49 -15.75 10.10
C ALA A 141 -0.74 -14.52 10.97
N PHE A 142 -1.54 -13.58 10.48
CA PHE A 142 -1.86 -12.41 11.28
C PHE A 142 -2.55 -12.84 12.63
N GLU A 143 -3.49 -13.75 12.53
CA GLU A 143 -4.21 -14.24 13.72
C GLU A 143 -3.23 -15.05 14.61
N LYS A 144 -2.31 -15.82 14.00
CA LYS A 144 -1.32 -16.59 14.80
C LYS A 144 -0.43 -15.63 15.57
N ALA A 145 -0.05 -14.52 14.94
CA ALA A 145 0.86 -13.55 15.52
C ALA A 145 0.20 -12.57 16.51
N LEU A 146 -1.04 -12.15 16.22
CA LEU A 146 -1.63 -11.01 16.93
C LEU A 146 -2.95 -11.40 17.62
N GLY A 147 -3.42 -12.62 17.42
CA GLY A 147 -4.54 -13.16 18.23
C GLY A 147 -5.87 -13.33 17.51
N THR A 148 -6.17 -12.46 16.56
CA THR A 148 -7.44 -12.61 15.81
C THR A 148 -7.27 -12.10 14.41
N ASN A 149 -8.31 -12.26 13.60
CA ASN A 149 -8.22 -11.79 12.18
C ASN A 149 -8.02 -10.28 12.11
N ILE A 150 -7.43 -9.81 10.99
CA ILE A 150 -7.02 -8.44 10.88
C ILE A 150 -8.17 -7.39 11.14
N TRP A 151 -9.34 -7.58 10.56
CA TRP A 151 -10.44 -6.59 10.69
C TRP A 151 -10.95 -6.46 12.15
N ASP A 152 -11.08 -7.57 12.81
CA ASP A 152 -11.52 -7.56 14.24
C ASP A 152 -10.40 -7.03 15.11
N TYR A 153 -9.14 -7.29 14.72
CA TYR A 153 -8.03 -6.75 15.44
C TYR A 153 -8.08 -5.22 15.38
N MET A 154 -8.32 -4.66 14.18
CA MET A 154 -8.40 -3.16 14.08
C MET A 154 -9.56 -2.64 14.91
N ALA A 155 -10.68 -3.39 14.94
CA ALA A 155 -11.84 -2.99 15.78
C ALA A 155 -11.49 -2.89 17.28
N GLU A 156 -10.50 -3.68 17.69
CA GLU A 156 -10.09 -3.80 19.09
C GLU A 156 -8.83 -3.05 19.45
N HIS A 157 -8.25 -2.35 18.48
CA HIS A 157 -7.00 -1.62 18.75
C HIS A 157 -6.99 -0.30 18.00
N PRO A 158 -7.54 0.73 18.63
CA PRO A 158 -7.81 2.02 17.98
C PRO A 158 -6.53 2.64 17.37
N GLU A 159 -5.40 2.62 18.11
CA GLU A 159 -4.13 3.18 17.59
C GLU A 159 -3.68 2.40 16.34
N LYS A 160 -3.83 1.07 16.34
CA LYS A 160 -3.47 0.27 15.12
C LYS A 160 -4.43 0.47 13.98
N ASN A 161 -5.71 0.59 14.34
CA ASN A 161 -6.75 0.93 13.35
C ASN A 161 -6.35 2.23 12.61
N GLN A 162 -5.97 3.25 13.39
CA GLN A 162 -5.62 4.52 12.78
CA GLN A 162 -5.59 4.52 12.80
C GLN A 162 -4.35 4.40 11.91
N LEU A 163 -3.38 3.65 12.40
CA LEU A 163 -2.09 3.46 11.62
C LEU A 163 -2.35 2.76 10.34
N PHE A 164 -3.18 1.70 10.39
CA PHE A 164 -3.53 0.95 9.16
C PHE A 164 -4.30 1.87 8.17
N ASN A 165 -5.30 2.58 8.70
CA ASN A 165 -6.11 3.45 7.82
C ASN A 165 -5.29 4.55 7.18
N GLU A 166 -4.36 5.10 7.95
CA GLU A 166 -3.51 6.17 7.36
C GLU A 166 -2.50 5.60 6.32
N GLY A 167 -2.00 4.39 6.52
CA GLY A 167 -1.14 3.74 5.47
C GLY A 167 -1.95 3.57 4.17
N MET A 168 -3.21 3.14 4.29
CA MET A 168 -4.08 2.98 3.09
C MET A 168 -4.45 4.36 2.53
N ALA A 169 -4.72 5.35 3.42
CA ALA A 169 -5.00 6.71 2.91
C ALA A 169 -3.79 7.16 2.06
N ASN A 170 -2.58 6.90 2.56
CA ASN A 170 -1.36 7.30 1.80
C ASN A 170 -1.30 6.57 0.46
N ASP A 171 -1.51 5.24 0.48
CA ASP A 171 -1.45 4.50 -0.79
C ASP A 171 -2.47 5.10 -1.79
N THR A 172 -3.65 5.50 -1.29
CA THR A 172 -4.68 6.15 -2.14
C THR A 172 -4.24 7.48 -2.67
N ARG A 173 -3.62 8.30 -1.82
CA ARG A 173 -3.10 9.55 -2.32
C ARG A 173 -2.13 9.38 -3.48
N LEU A 174 -1.31 8.34 -3.44
CA LEU A 174 -0.34 8.07 -4.52
C LEU A 174 -0.96 7.90 -5.90
N ILE A 175 -2.22 7.42 -5.95
CA ILE A 175 -2.85 7.16 -7.26
C ILE A 175 -3.91 8.13 -7.70
N MET A 176 -4.40 8.99 -6.80
CA MET A 176 -5.65 9.73 -7.10
C MET A 176 -5.53 10.67 -8.28
N SER A 177 -4.37 11.34 -8.44
CA SER A 177 -4.19 12.25 -9.60
C SER A 177 -4.36 11.50 -10.91
N ALA A 178 -3.61 10.40 -11.02
CA ALA A 178 -3.62 9.65 -12.27
C ALA A 178 -5.04 9.10 -12.49
N LEU A 179 -5.71 8.70 -11.41
CA LEU A 179 -7.08 8.20 -11.54
CA LEU A 179 -7.07 8.20 -11.55
C LEU A 179 -8.11 9.25 -12.05
N VAL A 180 -8.12 10.44 -11.46
CA VAL A 180 -9.07 11.48 -11.85
C VAL A 180 -8.73 12.26 -13.16
N LYS A 181 -7.46 12.19 -13.59
CA LYS A 181 -6.99 12.84 -14.82
C LYS A 181 -7.00 11.82 -15.95
N GLU A 182 -6.29 10.72 -15.81
CA GLU A 182 -6.26 9.70 -16.87
C GLU A 182 -7.53 8.90 -17.03
N CYS A 183 -8.29 8.73 -15.96
CA CYS A 183 -9.49 7.89 -16.08
C CYS A 183 -10.77 8.73 -15.94
N SER A 184 -10.69 10.03 -16.24
CA SER A 184 -11.83 10.91 -16.06
C SER A 184 -13.07 10.43 -16.75
N SER A 185 -12.96 9.89 -17.96
CA SER A 185 -14.17 9.49 -18.72
C SER A 185 -14.90 8.28 -18.08
N MET A 186 -14.25 7.67 -17.10
CA MET A 186 -14.86 6.58 -16.38
CA MET A 186 -14.85 6.59 -16.35
C MET A 186 -15.99 7.12 -15.51
N PHE A 187 -15.89 8.38 -15.12
CA PHE A 187 -16.86 9.01 -14.24
C PHE A 187 -17.94 9.77 -15.03
N ASP A 188 -17.89 9.69 -16.38
CA ASP A 188 -18.91 10.34 -17.25
C ASP A 188 -20.27 9.72 -17.07
N GLY A 189 -21.30 10.56 -16.96
CA GLY A 189 -22.66 10.02 -16.94
C GLY A 189 -23.10 9.56 -15.58
N ILE A 190 -22.15 9.41 -14.66
CA ILE A 190 -22.41 8.89 -13.31
CA ILE A 190 -22.56 8.88 -13.36
C ILE A 190 -22.95 10.00 -12.41
N THR A 191 -24.03 9.74 -11.63
CA THR A 191 -24.50 10.73 -10.72
C THR A 191 -24.27 10.37 -9.28
N THR A 192 -23.93 9.11 -9.05
CA THR A 192 -23.69 8.62 -7.67
C THR A 192 -22.58 7.54 -7.76
N ILE A 193 -21.77 7.50 -6.69
CA ILE A 193 -20.75 6.46 -6.65
C ILE A 193 -20.58 6.05 -5.18
N VAL A 194 -20.43 4.74 -4.91
CA VAL A 194 -20.16 4.27 -3.52
C VAL A 194 -18.77 3.62 -3.61
N ASP A 195 -17.87 4.08 -2.73
CA ASP A 195 -16.54 3.41 -2.56
C ASP A 195 -16.66 2.38 -1.47
N VAL A 196 -16.81 1.13 -1.87
CA VAL A 196 -17.11 0.05 -0.92
C VAL A 196 -15.78 -0.36 -0.27
N GLY A 197 -15.77 -0.43 1.08
CA GLY A 197 -14.48 -0.60 1.79
C GLY A 197 -13.62 0.67 1.58
N GLY A 198 -14.27 1.86 1.53
CA GLY A 198 -13.59 3.10 0.99
C GLY A 198 -12.59 3.69 2.02
N GLY A 199 -12.42 2.99 3.20
CA GLY A 199 -11.40 3.50 4.18
C GLY A 199 -11.91 4.75 4.79
N THR A 200 -10.97 5.66 5.11
CA THR A 200 -11.29 6.89 5.81
C THR A 200 -11.64 8.00 4.81
N GLY A 201 -11.91 7.61 3.56
CA GLY A 201 -12.52 8.54 2.57
C GLY A 201 -11.60 9.31 1.63
N THR A 202 -10.29 8.99 1.61
CA THR A 202 -9.38 9.69 0.69
C THR A 202 -9.87 9.66 -0.76
N ALA A 203 -10.25 8.46 -1.23
CA ALA A 203 -10.65 8.30 -2.61
C ALA A 203 -11.91 9.16 -2.89
N VAL A 204 -12.93 9.03 -2.05
CA VAL A 204 -14.18 9.80 -2.33
C VAL A 204 -13.98 11.31 -2.18
N ARG A 205 -13.12 11.75 -1.25
CA ARG A 205 -12.93 13.22 -1.13
C ARG A 205 -12.26 13.74 -2.40
N ASN A 206 -11.33 12.95 -2.98
CA ASN A 206 -10.72 13.36 -4.24
C ASN A 206 -11.66 13.30 -5.46
N ILE A 207 -12.45 12.24 -5.56
CA ILE A 207 -13.42 12.13 -6.67
C ILE A 207 -14.47 13.26 -6.57
N ALA A 208 -14.88 13.57 -5.36
CA ALA A 208 -15.93 14.57 -5.13
C ALA A 208 -15.45 15.95 -5.49
N LYS A 209 -14.21 16.24 -5.14
CA LYS A 209 -13.57 17.50 -5.52
C LYS A 209 -13.39 17.56 -7.07
N ALA A 210 -13.00 16.45 -7.67
CA ALA A 210 -12.75 16.55 -9.12
C ALA A 210 -14.05 16.56 -9.96
N PHE A 211 -15.09 15.91 -9.44
CA PHE A 211 -16.38 15.72 -10.17
C PHE A 211 -17.53 16.23 -9.25
N PRO A 212 -17.66 17.55 -9.09
CA PRO A 212 -18.54 18.14 -8.12
C PRO A 212 -20.03 17.76 -8.32
N HIS A 213 -20.31 17.21 -9.50
N HIS A 213 -20.38 17.21 -9.47
CA HIS A 213 -21.66 16.76 -9.88
CA HIS A 213 -21.77 16.82 -9.69
C HIS A 213 -22.05 15.42 -9.27
C HIS A 213 -22.02 15.32 -9.48
N ILE A 214 -21.06 14.60 -8.88
CA ILE A 214 -21.33 13.22 -8.45
C ILE A 214 -21.57 13.20 -6.96
N LYS A 215 -22.66 12.59 -6.52
CA LYS A 215 -22.91 12.42 -5.07
C LYS A 215 -22.14 11.18 -4.64
N CYS A 216 -21.15 11.39 -3.76
CA CYS A 216 -20.20 10.31 -3.37
C CYS A 216 -20.51 9.76 -2.06
N THR A 217 -20.28 8.44 -1.89
CA THR A 217 -20.49 7.82 -0.58
C THR A 217 -19.27 6.94 -0.23
N VAL A 218 -18.80 7.09 1.01
CA VAL A 218 -17.79 6.12 1.52
C VAL A 218 -18.49 5.11 2.41
N TYR A 219 -18.10 3.86 2.23
CA TYR A 219 -18.74 2.77 2.98
C TYR A 219 -17.65 1.87 3.50
N ASP A 220 -17.67 1.61 4.81
CA ASP A 220 -16.67 0.73 5.43
C ASP A 220 -17.25 0.19 6.76
N LEU A 221 -16.40 -0.51 7.51
CA LEU A 221 -16.86 -1.06 8.82
C LEU A 221 -16.93 0.06 9.78
N PRO A 222 -17.79 -0.10 10.81
CA PRO A 222 -18.00 0.97 11.81
C PRO A 222 -16.71 1.55 12.41
N HIS A 223 -15.76 0.68 12.81
CA HIS A 223 -14.50 1.23 13.41
C HIS A 223 -13.64 2.07 12.44
N VAL A 224 -13.84 1.91 11.12
CA VAL A 224 -13.13 2.71 10.17
C VAL A 224 -13.88 4.02 9.89
N ILE A 225 -15.19 3.94 9.76
CA ILE A 225 -16.00 5.17 9.59
C ILE A 225 -15.83 6.06 10.86
N ALA A 226 -15.70 5.43 12.03
CA ALA A 226 -15.42 6.16 13.27
C ALA A 226 -14.06 6.86 13.32
N ASP A 227 -13.16 6.48 12.43
CA ASP A 227 -11.81 7.11 12.30
C ASP A 227 -11.77 8.10 11.13
N SER A 228 -12.93 8.58 10.69
CA SER A 228 -13.03 9.39 9.48
CA SER A 228 -12.97 9.40 9.50
C SER A 228 -13.61 10.77 9.80
N PRO A 229 -13.28 11.77 8.97
CA PRO A 229 -13.92 13.11 9.25
C PRO A 229 -15.36 13.13 8.74
N GLY A 230 -16.18 14.03 9.26
CA GLY A 230 -17.59 14.11 8.75
C GLY A 230 -17.69 15.26 7.76
N TYR A 231 -18.12 14.97 6.53
CA TYR A 231 -18.39 16.09 5.57
C TYR A 231 -19.86 16.13 5.21
N THR A 232 -20.42 17.33 5.12
CA THR A 232 -21.82 17.46 4.80
C THR A 232 -22.21 16.88 3.43
N GLU A 233 -21.35 17.01 2.43
CA GLU A 233 -21.74 16.67 1.05
C GLU A 233 -21.39 15.23 0.58
N ILE A 234 -20.60 14.50 1.39
CA ILE A 234 -20.31 13.09 1.12
C ILE A 234 -21.01 12.23 2.15
N ASN A 235 -21.71 11.17 1.71
CA ASN A 235 -22.36 10.27 2.60
C ASN A 235 -21.33 9.32 3.24
N SER A 236 -21.40 9.13 4.56
CA SER A 236 -20.54 8.12 5.25
CA SER A 236 -20.54 8.11 5.20
C SER A 236 -21.50 7.08 5.80
N ILE A 237 -21.35 5.84 5.37
CA ILE A 237 -22.21 4.81 5.86
CA ILE A 237 -22.20 4.77 5.76
C ILE A 237 -21.33 3.64 6.35
N GLN A 238 -21.80 2.99 7.39
CA GLN A 238 -21.06 1.84 7.93
C GLN A 238 -21.87 0.58 7.82
N GLY A 239 -21.16 -0.54 7.72
CA GLY A 239 -21.85 -1.82 7.55
C GLY A 239 -20.90 -2.92 7.11
N ASP A 240 -21.46 -3.99 6.56
CA ASP A 240 -20.69 -5.15 6.19
C ASP A 240 -21.05 -5.37 4.70
N MET A 241 -20.01 -5.25 3.84
CA MET A 241 -20.23 -5.38 2.39
C MET A 241 -20.67 -6.80 1.98
N PHE A 242 -20.45 -7.79 2.86
CA PHE A 242 -20.94 -9.12 2.58
C PHE A 242 -22.45 -9.27 2.74
N LYS A 243 -23.06 -8.33 3.43
CA LYS A 243 -24.50 -8.33 3.60
C LYS A 243 -25.21 -7.23 2.84
N TYR A 244 -24.52 -6.10 2.60
CA TYR A 244 -25.18 -4.96 1.95
C TYR A 244 -24.22 -4.18 1.05
N ILE A 245 -24.62 -4.00 -0.22
CA ILE A 245 -23.97 -3.05 -1.12
C ILE A 245 -25.07 -2.11 -1.59
N PRO A 246 -24.88 -0.83 -1.34
CA PRO A 246 -25.91 0.17 -1.69
C PRO A 246 -26.10 0.28 -3.22
N ASN A 247 -27.33 0.41 -3.68
CA ASN A 247 -27.61 0.64 -5.11
C ASN A 247 -27.02 2.05 -5.46
N ALA A 248 -26.23 2.15 -6.54
CA ALA A 248 -25.63 3.38 -7.04
C ALA A 248 -25.32 3.22 -8.51
N ASP A 249 -25.00 4.31 -9.19
CA ASP A 249 -24.60 4.27 -10.62
C ASP A 249 -23.31 3.50 -10.85
N ALA A 250 -22.34 3.67 -9.92
CA ALA A 250 -21.08 2.98 -10.03
C ALA A 250 -20.67 2.56 -8.64
N ILE A 251 -20.04 1.40 -8.58
CA ILE A 251 -19.42 0.95 -7.33
C ILE A 251 -17.92 0.94 -7.59
N MET A 252 -17.14 1.41 -6.61
CA MET A 252 -15.73 1.24 -6.72
CA MET A 252 -15.69 1.36 -6.67
C MET A 252 -15.18 0.45 -5.55
N MET A 253 -14.12 -0.33 -5.84
CA MET A 253 -13.45 -1.13 -4.76
C MET A 253 -11.95 -1.05 -5.02
N LYS A 254 -11.26 -0.30 -4.14
CA LYS A 254 -9.80 -0.27 -4.23
C LYS A 254 -9.16 -1.04 -3.09
N CYS A 255 -8.28 -1.99 -3.47
CA CYS A 255 -7.57 -2.83 -2.48
C CYS A 255 -8.59 -3.51 -1.57
N ILE A 256 -9.66 -4.06 -2.19
CA ILE A 256 -10.64 -4.81 -1.47
C ILE A 256 -10.51 -6.27 -1.90
N LEU A 257 -10.74 -6.54 -3.20
CA LEU A 257 -10.86 -7.96 -3.65
C LEU A 257 -9.56 -8.78 -3.37
N HIS A 258 -8.40 -8.07 -3.31
CA HIS A 258 -7.14 -8.79 -3.04
C HIS A 258 -7.10 -9.28 -1.57
N ASP A 259 -8.05 -8.85 -0.75
CA ASP A 259 -8.14 -9.31 0.66
C ASP A 259 -8.87 -10.61 0.80
N TRP A 260 -9.50 -11.11 -0.26
CA TRP A 260 -10.46 -12.22 -0.12
C TRP A 260 -10.19 -13.37 -1.07
N ASP A 261 -10.70 -14.56 -0.71
CA ASP A 261 -10.51 -15.75 -1.57
C ASP A 261 -11.45 -15.70 -2.74
N ASP A 262 -11.29 -16.62 -3.69
CA ASP A 262 -12.08 -16.56 -4.90
C ASP A 262 -13.61 -16.54 -4.65
N LYS A 263 -14.09 -17.49 -3.85
CA LYS A 263 -15.55 -17.62 -3.59
CA LYS A 263 -15.54 -17.61 -3.61
C LYS A 263 -16.10 -16.32 -3.02
N GLU A 264 -15.34 -15.74 -2.10
CA GLU A 264 -15.75 -14.48 -1.43
C GLU A 264 -15.75 -13.31 -2.44
N CYS A 265 -14.74 -13.25 -3.29
CA CYS A 265 -14.74 -12.22 -4.31
C CYS A 265 -15.93 -12.33 -5.27
N ILE A 266 -16.24 -13.56 -5.69
CA ILE A 266 -17.34 -13.75 -6.63
C ILE A 266 -18.67 -13.25 -5.97
N GLU A 267 -18.87 -13.59 -4.70
CA GLU A 267 -20.04 -13.18 -3.92
CA GLU A 267 -20.05 -13.18 -3.92
C GLU A 267 -20.13 -11.64 -3.82
N ILE A 268 -19.00 -11.01 -3.53
CA ILE A 268 -18.92 -9.52 -3.45
C ILE A 268 -19.21 -8.92 -4.83
N LEU A 269 -18.54 -9.45 -5.86
CA LEU A 269 -18.72 -8.93 -7.23
C LEU A 269 -20.15 -9.09 -7.73
N LYS A 270 -20.81 -10.19 -7.35
CA LYS A 270 -22.20 -10.40 -7.79
C LYS A 270 -23.10 -9.38 -7.14
N ARG A 271 -22.93 -9.16 -5.84
CA ARG A 271 -23.69 -8.15 -5.12
C ARG A 271 -23.45 -6.71 -5.70
N CYS A 272 -22.22 -6.43 -6.16
CA CYS A 272 -21.94 -5.14 -6.76
C CYS A 272 -22.66 -5.06 -8.14
N LYS A 273 -22.62 -6.16 -8.91
CA LYS A 273 -23.32 -6.17 -10.16
C LYS A 273 -24.85 -5.88 -10.01
N ASP A 274 -25.48 -6.52 -9.03
CA ASP A 274 -26.90 -6.31 -8.74
C ASP A 274 -27.22 -4.89 -8.25
N ALA A 275 -26.20 -4.13 -7.77
CA ALA A 275 -26.44 -2.83 -7.21
C ALA A 275 -26.43 -1.71 -8.24
N VAL A 276 -25.83 -1.96 -9.40
CA VAL A 276 -25.73 -0.90 -10.42
C VAL A 276 -26.73 -1.13 -11.56
N PRO A 277 -27.10 -0.04 -12.25
CA PRO A 277 -28.16 -0.13 -13.27
C PRO A 277 -27.70 -0.91 -14.52
N ARG A 278 -28.62 -1.63 -15.17
CA ARG A 278 -28.26 -2.26 -16.45
C ARG A 278 -27.85 -1.23 -17.48
N ASP A 279 -28.38 -0.02 -17.39
CA ASP A 279 -28.12 1.15 -18.32
C ASP A 279 -26.95 2.03 -17.85
N GLY A 280 -25.71 1.62 -18.19
CA GLY A 280 -24.54 2.41 -17.93
C GLY A 280 -23.83 2.12 -16.59
N GLY A 281 -24.35 1.19 -15.78
CA GLY A 281 -23.78 0.87 -14.42
C GLY A 281 -22.46 0.15 -14.62
N LYS A 282 -21.53 0.37 -13.66
CA LYS A 282 -20.24 -0.26 -13.83
C LYS A 282 -19.64 -0.44 -12.42
N VAL A 283 -18.68 -1.36 -12.34
CA VAL A 283 -17.98 -1.66 -11.09
C VAL A 283 -16.52 -1.40 -11.39
N ILE A 284 -15.88 -0.55 -10.58
CA ILE A 284 -14.51 -0.15 -10.87
C ILE A 284 -13.63 -0.81 -9.78
N ILE A 285 -12.77 -1.72 -10.21
CA ILE A 285 -11.89 -2.43 -9.31
C ILE A 285 -10.51 -1.82 -9.44
N ILE A 286 -9.92 -1.45 -8.32
CA ILE A 286 -8.49 -0.97 -8.39
C ILE A 286 -7.69 -1.93 -7.53
N ASP A 287 -6.80 -2.71 -8.19
CA ASP A 287 -5.98 -3.70 -7.50
C ASP A 287 -4.85 -4.09 -8.46
N ILE A 288 -3.85 -4.75 -7.92
CA ILE A 288 -2.73 -5.23 -8.71
C ILE A 288 -3.17 -6.23 -9.78
N ILE A 289 -2.53 -6.12 -10.95
CA ILE A 289 -2.53 -7.19 -11.90
C ILE A 289 -1.11 -7.78 -11.97
N LEU A 290 -0.97 -9.02 -11.58
CA LEU A 290 0.35 -9.63 -11.55
CA LEU A 290 0.35 -9.67 -11.54
C LEU A 290 0.74 -10.09 -12.96
N ASP A 291 1.94 -9.67 -13.45
CA ASP A 291 2.36 -10.14 -14.82
C ASP A 291 2.98 -11.53 -14.70
N VAL A 292 2.78 -12.32 -15.71
CA VAL A 292 3.20 -13.67 -15.60
C VAL A 292 4.52 -13.91 -16.28
N LYS A 293 4.86 -13.02 -17.17
CA LYS A 293 5.86 -13.31 -18.13
C LYS A 293 6.96 -12.27 -18.20
N SER A 294 6.67 -10.99 -17.90
CA SER A 294 7.67 -9.88 -18.02
CA SER A 294 7.77 -9.98 -17.96
C SER A 294 7.89 -9.20 -16.67
N GLU A 295 9.03 -8.51 -16.54
CA GLU A 295 9.43 -7.80 -15.32
C GLU A 295 9.13 -6.31 -15.53
N HIS A 296 8.52 -5.73 -14.50
CA HIS A 296 8.20 -4.28 -14.48
C HIS A 296 8.79 -3.67 -13.21
N PRO A 297 8.86 -2.34 -13.16
CA PRO A 297 9.38 -1.74 -11.95
C PRO A 297 8.71 -2.21 -10.66
N TYR A 298 7.39 -2.41 -10.72
CA TYR A 298 6.63 -2.80 -9.47
C TYR A 298 6.43 -4.32 -9.36
N THR A 299 7.09 -5.10 -10.21
CA THR A 299 6.91 -6.55 -10.10
C THR A 299 7.28 -7.10 -8.72
N LYS A 300 8.45 -6.70 -8.23
CA LYS A 300 8.96 -7.28 -6.98
C LYS A 300 7.97 -6.93 -5.84
N MET A 301 7.50 -5.69 -5.80
CA MET A 301 6.58 -5.33 -4.70
CA MET A 301 6.47 -5.18 -4.82
C MET A 301 5.20 -5.97 -4.87
N ARG A 302 4.78 -6.28 -6.09
CA ARG A 302 3.47 -6.91 -6.29
C ARG A 302 3.51 -8.36 -5.81
N LEU A 303 4.64 -9.07 -6.10
CA LEU A 303 4.82 -10.43 -5.52
C LEU A 303 4.91 -10.36 -3.99
N THR A 304 5.50 -9.27 -3.45
CA THR A 304 5.60 -9.12 -2.03
C THR A 304 4.19 -8.95 -1.44
N LEU A 305 3.38 -8.13 -2.08
CA LEU A 305 1.98 -7.93 -1.62
C LEU A 305 1.16 -9.23 -1.77
N ASP A 306 1.53 -10.09 -2.73
CA ASP A 306 0.83 -11.40 -2.81
C ASP A 306 1.03 -12.19 -1.50
N LEU A 307 2.27 -12.16 -0.99
CA LEU A 307 2.53 -12.89 0.29
C LEU A 307 1.96 -12.12 1.43
N ASP A 308 2.00 -10.78 1.37
CA ASP A 308 1.40 -9.97 2.42
C ASP A 308 -0.06 -10.33 2.56
N MET A 309 -0.77 -10.43 1.44
CA MET A 309 -2.23 -10.86 1.51
C MET A 309 -2.33 -12.29 2.07
N MET A 310 -1.46 -13.17 1.65
CA MET A 310 -1.52 -14.54 2.11
C MET A 310 -1.45 -14.60 3.66
N LEU A 311 -0.54 -13.79 4.23
CA LEU A 311 -0.24 -13.82 5.66
C LEU A 311 -1.31 -13.02 6.42
N ASN A 312 -1.75 -11.89 5.88
CA ASN A 312 -2.44 -10.85 6.74
C ASN A 312 -3.95 -10.86 6.55
N THR A 313 -4.43 -11.15 5.34
CA THR A 313 -5.85 -10.97 5.06
C THR A 313 -6.46 -12.30 4.64
N GLY A 314 -5.62 -13.24 4.18
CA GLY A 314 -6.11 -14.45 3.56
C GLY A 314 -6.40 -14.37 2.05
N GLY A 315 -6.06 -13.26 1.45
CA GLY A 315 -6.33 -12.97 0.02
C GLY A 315 -5.13 -13.32 -0.83
N LYS A 316 -5.01 -12.63 -1.96
CA LYS A 316 -3.94 -12.89 -2.94
C LYS A 316 -3.92 -11.75 -3.92
N GLU A 317 -2.80 -11.62 -4.62
CA GLU A 317 -2.79 -10.73 -5.82
C GLU A 317 -2.95 -11.64 -7.07
N ARG A 318 -3.63 -11.11 -8.06
CA ARG A 318 -4.14 -11.93 -9.13
C ARG A 318 -3.58 -11.52 -10.49
N THR A 319 -3.35 -12.54 -11.32
CA THR A 319 -2.95 -12.33 -12.71
C THR A 319 -4.19 -11.87 -13.53
N GLU A 320 -4.01 -11.43 -14.77
CA GLU A 320 -5.19 -11.08 -15.58
C GLU A 320 -6.06 -12.28 -15.80
N GLU A 321 -5.45 -13.45 -16.06
CA GLU A 321 -6.27 -14.67 -16.26
C GLU A 321 -7.12 -15.00 -15.02
N GLU A 322 -6.55 -14.77 -13.82
CA GLU A 322 -7.31 -14.99 -12.63
C GLU A 322 -8.44 -13.95 -12.45
N TRP A 323 -8.16 -12.69 -12.77
CA TRP A 323 -9.20 -11.64 -12.70
C TRP A 323 -10.35 -12.02 -13.67
N LYS A 324 -9.95 -12.47 -14.86
CA LYS A 324 -10.95 -12.84 -15.93
C LYS A 324 -11.88 -13.93 -15.41
N LYS A 325 -11.34 -14.98 -14.80
CA LYS A 325 -12.17 -16.10 -14.29
C LYS A 325 -13.12 -15.58 -13.20
N LEU A 326 -12.59 -14.72 -12.27
CA LEU A 326 -13.45 -14.21 -11.22
C LEU A 326 -14.61 -13.36 -11.78
N ILE A 327 -14.27 -12.47 -12.68
CA ILE A 327 -15.32 -11.53 -13.22
C ILE A 327 -16.33 -12.33 -14.05
N HIS A 328 -15.81 -13.28 -14.82
CA HIS A 328 -16.69 -14.22 -15.57
C HIS A 328 -17.62 -14.94 -14.56
N ASP A 329 -17.06 -15.52 -13.50
CA ASP A 329 -17.83 -16.30 -12.55
C ASP A 329 -18.86 -15.49 -11.82
N ALA A 330 -18.64 -14.16 -11.71
CA ALA A 330 -19.61 -13.29 -11.10
C ALA A 330 -20.71 -12.89 -12.02
N GLY A 331 -20.54 -13.23 -13.30
CA GLY A 331 -21.65 -13.02 -14.32
C GLY A 331 -21.56 -11.73 -15.09
N TYR A 332 -20.39 -11.09 -15.09
CA TYR A 332 -20.29 -9.85 -15.89
C TYR A 332 -20.12 -10.20 -17.37
N LYS A 333 -20.41 -9.20 -18.20
CA LYS A 333 -20.28 -9.36 -19.70
C LYS A 333 -18.83 -9.24 -20.19
N GLY A 334 -18.08 -8.38 -19.53
CA GLY A 334 -16.66 -8.31 -19.84
C GLY A 334 -15.98 -7.29 -18.92
N TYR A 335 -14.71 -6.98 -19.26
CA TYR A 335 -13.94 -6.02 -18.43
C TYR A 335 -12.98 -5.23 -19.31
N LYS A 336 -12.46 -4.13 -18.78
CA LYS A 336 -11.46 -3.41 -19.49
C LYS A 336 -10.42 -2.95 -18.44
N ILE A 337 -9.15 -3.26 -18.73
CA ILE A 337 -8.05 -2.79 -17.86
C ILE A 337 -7.47 -1.47 -18.35
N THR A 338 -7.25 -0.58 -17.40
CA THR A 338 -6.53 0.64 -17.63
C THR A 338 -5.29 0.67 -16.70
N HIS A 339 -4.08 0.71 -17.28
CA HIS A 339 -2.88 0.97 -16.48
C HIS A 339 -2.71 2.40 -16.18
N ILE A 340 -2.30 2.74 -14.96
CA ILE A 340 -2.19 4.13 -14.56
C ILE A 340 -0.75 4.43 -13.98
N SER A 341 0.21 3.66 -14.48
CA SER A 341 1.62 3.76 -14.05
CA SER A 341 1.62 3.70 -14.04
C SER A 341 1.73 3.71 -12.50
N ALA A 342 0.93 2.83 -11.85
CA ALA A 342 0.91 2.69 -10.41
C ALA A 342 1.11 1.21 -10.02
N VAL A 343 1.15 0.93 -8.71
CA VAL A 343 1.25 -0.42 -8.22
C VAL A 343 -0.02 -1.20 -8.72
N GLN A 344 -1.16 -0.58 -8.51
CA GLN A 344 -2.47 -1.18 -8.91
C GLN A 344 -2.80 -0.75 -10.34
N SER A 345 -3.70 -1.52 -10.96
CA SER A 345 -4.32 -1.09 -12.24
C SER A 345 -5.83 -0.84 -12.01
N VAL A 346 -6.49 -0.27 -13.02
CA VAL A 346 -7.93 -0.10 -12.94
C VAL A 346 -8.59 -1.20 -13.80
N ILE A 347 -9.57 -1.88 -13.21
CA ILE A 347 -10.32 -2.90 -14.00
C ILE A 347 -11.78 -2.46 -13.92
N GLU A 348 -12.33 -2.02 -15.05
CA GLU A 348 -13.78 -1.77 -15.12
C GLU A 348 -14.48 -3.08 -15.47
N ALA A 349 -15.46 -3.45 -14.64
CA ALA A 349 -16.24 -4.67 -14.89
C ALA A 349 -17.69 -4.27 -15.27
N TYR A 350 -18.12 -4.74 -16.44
CA TYR A 350 -19.39 -4.32 -17.01
C TYR A 350 -20.42 -5.43 -16.92
N PRO A 351 -21.53 -5.19 -16.20
CA PRO A 351 -22.71 -6.09 -16.23
C PRO A 351 -23.46 -6.09 -17.54
N TYR A 352 -24.33 -7.08 -17.73
CA TYR A 352 -25.24 -7.07 -18.87
C TYR A 352 -26.18 -5.87 -18.83
#